data_6I9S
#
_entry.id   6I9S
#
_cell.length_a   62.220
_cell.length_b   70.520
_cell.length_c   97.280
_cell.angle_alpha   90.00
_cell.angle_beta   90.00
_cell.angle_gamma   90.00
#
_symmetry.space_group_name_H-M   'P 21 21 21'
#
loop_
_entity.id
_entity.type
_entity.pdbx_description
1 polymer 'Roundabout homolog 2'
2 non-polymer 'SODIUM ION'
3 water water
#
_entity_poly.entity_id   1
_entity_poly.type   'polypeptide(L)'
_entity_poly.pdbx_seq_one_letter_code
;DYKDDDDKRPHLEVALLRDDFRQNPTDVVVAAGEPAILECQPPRGHPEPTIYWKKDKVRIDDKEERISIRGGKLMISNTR
KSDAGMYTCVGTNMVGERDSDPAELTVFERPTFLRRPINQVVLEEEAVEFRCQVQGDPQPTVRWKKDDADLPRGRYDIKD
DYTLRIKKTMSTDEGTYMCIAENRVGKMEASATLTVRAKLGSHHHHHH
;
_entity_poly.pdbx_strand_id   A,B
#
# COMPACT_ATOMS: atom_id res chain seq x y z
N LEU A 12 -39.29 -9.43 10.91
CA LEU A 12 -39.81 -8.10 11.32
C LEU A 12 -38.66 -7.30 11.99
N GLU A 13 -37.87 -6.65 11.14
CA GLU A 13 -36.83 -5.67 11.53
C GLU A 13 -37.06 -4.36 10.77
N VAL A 14 -37.06 -3.24 11.51
CA VAL A 14 -37.23 -1.83 11.04
C VAL A 14 -36.40 -1.56 9.76
N ALA A 15 -37.05 -1.03 8.72
CA ALA A 15 -36.33 -0.41 7.62
C ALA A 15 -35.66 0.86 8.15
N LEU A 16 -34.33 0.93 8.07
CA LEU A 16 -33.61 1.94 8.83
C LEU A 16 -32.26 2.28 8.20
N LEU A 17 -31.94 3.58 8.24
CA LEU A 17 -30.61 4.08 7.96
C LEU A 17 -30.26 5.26 8.89
N ARG A 18 -29.23 5.09 9.72
CA ARG A 18 -28.73 6.15 10.62
C ARG A 18 -27.90 7.19 9.84
N ASP A 19 -27.45 8.24 10.53
CA ASP A 19 -26.62 9.30 9.92
C ASP A 19 -25.15 9.25 10.39
N ASP A 20 -24.84 8.48 11.43
CA ASP A 20 -23.55 8.48 12.08
C ASP A 20 -22.73 7.28 11.63
N PHE A 21 -21.61 7.54 10.96
CA PHE A 21 -20.76 6.46 10.57
C PHE A 21 -20.13 5.81 11.81
N ARG A 22 -20.12 4.47 11.82
CA ARG A 22 -19.39 3.67 12.78
C ARG A 22 -17.89 4.02 12.73
N GLN A 23 -17.33 4.15 11.52
CA GLN A 23 -15.97 4.66 11.30
C GLN A 23 -15.93 5.57 10.06
N ASN A 24 -15.58 6.84 10.29
CA ASN A 24 -15.25 7.76 9.23
C ASN A 24 -13.82 7.50 8.77
N PRO A 25 -13.49 7.76 7.49
CA PRO A 25 -12.12 7.70 7.03
C PRO A 25 -11.36 8.89 7.59
N THR A 26 -10.05 8.72 7.75
CA THR A 26 -9.20 9.76 8.31
C THR A 26 -8.15 10.14 7.28
N ASP A 27 -7.71 11.40 7.34
CA ASP A 27 -6.70 11.97 6.42
C ASP A 27 -5.43 11.10 6.41
N VAL A 28 -4.82 11.04 5.22
CA VAL A 28 -3.68 10.21 4.96
C VAL A 28 -2.64 11.09 4.27
N VAL A 29 -1.39 10.93 4.73
CA VAL A 29 -0.23 11.61 4.16
C VAL A 29 0.81 10.59 3.69
N VAL A 30 1.18 10.71 2.42
CA VAL A 30 1.94 9.75 1.77
C VAL A 30 3.01 10.42 0.90
N ALA A 31 4.10 9.69 0.68
CA ALA A 31 5.05 10.02 -0.33
C ALA A 31 4.71 9.24 -1.60
N ALA A 32 4.74 9.92 -2.75
CA ALA A 32 4.50 9.30 -4.07
C ALA A 32 5.23 7.95 -4.21
N GLY A 33 4.47 6.89 -4.53
CA GLY A 33 5.01 5.53 -4.66
C GLY A 33 4.62 4.62 -3.51
N GLU A 34 4.41 5.22 -2.33
CA GLU A 34 3.86 4.56 -1.19
C GLU A 34 2.38 4.26 -1.41
N PRO A 35 1.84 3.21 -0.74
CA PRO A 35 0.42 2.89 -0.75
C PRO A 35 -0.37 3.68 0.31
N ALA A 36 -1.65 3.91 0.02
CA ALA A 36 -2.55 4.59 0.89
C ALA A 36 -3.76 3.71 1.15
N ILE A 37 -4.25 3.71 2.39
CA ILE A 37 -5.36 2.89 2.76
C ILE A 37 -6.34 3.76 3.54
N LEU A 38 -7.58 3.84 3.04
CA LEU A 38 -8.66 4.49 3.69
C LEU A 38 -9.65 3.44 4.19
N GLU A 39 -10.23 3.68 5.37
CA GLU A 39 -11.09 2.75 6.08
C GLU A 39 -12.44 3.42 6.36
N CYS A 40 -13.49 2.62 6.20
CA CYS A 40 -14.80 3.07 6.45
C CYS A 40 -15.66 1.94 7.04
N GLN A 41 -16.49 2.31 8.01
CA GLN A 41 -17.60 1.53 8.44
C GLN A 41 -18.82 2.42 8.34
N PRO A 42 -19.89 2.01 7.61
CA PRO A 42 -21.08 2.83 7.44
C PRO A 42 -21.92 2.93 8.71
N PRO A 43 -22.94 3.84 8.73
CA PRO A 43 -23.90 3.86 9.83
C PRO A 43 -24.59 2.51 9.98
N ARG A 44 -25.33 2.32 11.08
CA ARG A 44 -26.13 1.14 11.26
C ARG A 44 -27.37 1.31 10.39
N GLY A 45 -27.93 0.19 9.94
CA GLY A 45 -29.19 0.20 9.22
C GLY A 45 -29.71 -1.20 8.95
N HIS A 46 -30.94 -1.27 8.46
CA HIS A 46 -31.52 -2.49 7.97
C HIS A 46 -32.24 -2.19 6.65
N PRO A 47 -31.87 -2.94 5.59
CA PRO A 47 -30.80 -3.92 5.57
C PRO A 47 -29.41 -3.30 5.79
N GLU A 48 -28.44 -4.14 6.18
CA GLU A 48 -27.05 -3.72 6.48
C GLU A 48 -26.50 -2.94 5.29
N PRO A 49 -26.12 -1.67 5.48
CA PRO A 49 -25.61 -0.84 4.39
C PRO A 49 -24.35 -1.46 3.80
N THR A 50 -24.17 -1.28 2.49
CA THR A 50 -22.91 -1.51 1.80
C THR A 50 -22.20 -0.17 1.70
N ILE A 51 -20.98 -0.17 1.14
CA ILE A 51 -20.28 1.08 0.89
C ILE A 51 -19.68 1.14 -0.52
N TYR A 52 -19.45 2.36 -0.98
CA TYR A 52 -18.58 2.66 -2.12
C TYR A 52 -17.88 3.99 -1.83
N TRP A 53 -16.99 4.39 -2.73
CA TRP A 53 -16.14 5.52 -2.49
C TRP A 53 -16.25 6.54 -3.63
N LYS A 54 -16.11 7.80 -3.24
CA LYS A 54 -16.04 8.95 -4.13
C LYS A 54 -14.72 9.70 -3.87
N LYS A 55 -14.12 10.20 -4.94
CA LYS A 55 -13.01 11.11 -4.92
C LYS A 55 -13.46 12.45 -5.48
N ASP A 56 -13.43 13.50 -4.65
CA ASP A 56 -13.96 14.84 -4.98
C ASP A 56 -15.33 14.63 -5.64
N LYS A 57 -16.23 14.05 -4.87
CA LYS A 57 -17.65 13.87 -5.20
C LYS A 57 -17.92 12.97 -6.42
N VAL A 58 -16.89 12.40 -7.05
CA VAL A 58 -17.07 11.51 -8.19
C VAL A 58 -16.84 10.06 -7.76
N ARG A 59 -17.80 9.17 -8.05
CA ARG A 59 -17.72 7.76 -7.66
C ARG A 59 -16.55 7.09 -8.38
N ILE A 60 -15.85 6.16 -7.71
CA ILE A 60 -14.68 5.46 -8.31
C ILE A 60 -14.79 3.93 -8.18
N ASP A 61 -13.94 3.24 -8.93
CA ASP A 61 -14.02 1.78 -8.97
C ASP A 61 -12.61 1.21 -8.96
N ASP A 62 -12.53 -0.12 -8.83
CA ASP A 62 -11.27 -0.83 -8.68
C ASP A 62 -10.82 -1.43 -10.02
N LYS A 63 -11.18 -0.75 -11.13
CA LYS A 63 -10.82 -1.16 -12.47
C LYS A 63 -9.29 -1.31 -12.57
N GLU A 64 -8.58 -0.21 -12.30
CA GLU A 64 -7.12 -0.18 -12.26
C GLU A 64 -6.59 -1.23 -11.28
N GLU A 65 -5.47 -1.83 -11.66
CA GLU A 65 -4.77 -2.88 -10.95
C GLU A 65 -4.31 -2.38 -9.57
N ARG A 66 -3.81 -1.15 -9.52
CA ARG A 66 -3.27 -0.57 -8.30
C ARG A 66 -4.36 -0.07 -7.33
N ILE A 67 -5.63 -0.04 -7.76
CA ILE A 67 -6.71 0.29 -6.85
C ILE A 67 -7.53 -0.97 -6.52
N SER A 68 -7.82 -1.11 -5.23
CA SER A 68 -8.56 -2.22 -4.70
C SER A 68 -9.56 -1.72 -3.66
N ILE A 69 -10.81 -2.15 -3.81
CA ILE A 69 -11.90 -1.85 -2.92
C ILE A 69 -12.49 -3.17 -2.41
N ARG A 70 -12.40 -3.41 -1.10
CA ARG A 70 -12.81 -4.66 -0.49
C ARG A 70 -12.99 -4.45 1.01
N GLY A 71 -14.11 -4.94 1.55
CA GLY A 71 -14.45 -4.70 2.94
C GLY A 71 -14.70 -3.23 3.18
N GLY A 72 -14.13 -2.72 4.26
CA GLY A 72 -14.24 -1.35 4.56
C GLY A 72 -13.06 -0.54 4.08
N LYS A 73 -12.28 -1.09 3.14
CA LYS A 73 -11.01 -0.48 2.77
C LYS A 73 -10.98 -0.11 1.30
N LEU A 74 -10.39 1.05 1.04
CA LEU A 74 -9.99 1.55 -0.24
C LEU A 74 -8.47 1.64 -0.17
N MET A 75 -7.81 0.96 -1.11
CA MET A 75 -6.41 0.70 -1.08
C MET A 75 -5.81 1.21 -2.38
N ILE A 76 -4.95 2.22 -2.28
CA ILE A 76 -4.33 2.88 -3.41
C ILE A 76 -2.82 2.65 -3.37
N SER A 77 -2.37 1.70 -4.20
CA SER A 77 -0.97 1.36 -4.39
C SER A 77 -0.33 2.35 -5.37
N ASN A 78 0.96 2.65 -5.17
CA ASN A 78 1.75 3.51 -6.07
C ASN A 78 1.12 4.90 -6.21
N THR A 79 0.95 5.60 -5.10
CA THR A 79 0.35 6.92 -5.14
C THR A 79 1.08 7.84 -6.12
N ARG A 80 0.28 8.61 -6.86
CA ARG A 80 0.73 9.67 -7.76
C ARG A 80 0.06 10.95 -7.30
N LYS A 81 0.68 12.09 -7.61
CA LYS A 81 0.16 13.39 -7.25
C LYS A 81 -1.33 13.49 -7.62
N SER A 82 -1.76 12.87 -8.73
CA SER A 82 -3.18 12.89 -9.20
C SER A 82 -4.14 12.34 -8.12
N ASP A 83 -3.74 11.27 -7.42
CA ASP A 83 -4.53 10.61 -6.37
C ASP A 83 -4.97 11.57 -5.25
N ALA A 84 -4.27 12.68 -5.03
CA ALA A 84 -4.64 13.57 -3.93
C ALA A 84 -6.04 14.15 -4.19
N GLY A 85 -6.79 14.38 -3.11
CA GLY A 85 -8.11 14.93 -3.15
C GLY A 85 -8.88 14.56 -1.90
N MET A 86 -10.19 14.90 -1.90
CA MET A 86 -11.06 14.54 -0.77
C MET A 86 -11.82 13.26 -1.11
N TYR A 87 -11.65 12.25 -0.26
CA TYR A 87 -12.26 11.01 -0.44
C TYR A 87 -13.44 10.90 0.52
N THR A 88 -14.58 10.45 0.00
CA THR A 88 -15.77 10.23 0.78
C THR A 88 -16.17 8.78 0.65
N CYS A 89 -16.60 8.23 1.77
CA CYS A 89 -17.23 6.93 1.84
C CYS A 89 -18.74 7.10 1.92
N VAL A 90 -19.47 6.35 1.10
CA VAL A 90 -20.90 6.41 1.06
C VAL A 90 -21.45 5.07 1.56
N GLY A 91 -22.35 5.16 2.55
CA GLY A 91 -23.12 4.05 3.03
C GLY A 91 -24.48 4.02 2.34
N THR A 92 -24.83 2.85 1.77
CA THR A 92 -26.05 2.64 0.98
C THR A 92 -26.83 1.43 1.48
N ASN A 93 -28.17 1.58 1.44
CA ASN A 93 -29.15 0.51 1.53
C ASN A 93 -30.45 1.00 0.86
N MET A 94 -31.48 0.16 0.91
CA MET A 94 -32.71 0.48 0.24
C MET A 94 -33.45 1.69 0.85
N VAL A 95 -32.99 2.27 1.96
CA VAL A 95 -33.58 3.49 2.54
C VAL A 95 -32.94 4.72 1.89
N GLY A 96 -31.62 4.67 1.73
CA GLY A 96 -30.92 5.74 1.07
C GLY A 96 -29.42 5.62 1.14
N GLU A 97 -28.78 6.78 0.94
CA GLU A 97 -27.33 6.96 0.91
C GLU A 97 -26.95 7.90 2.03
N ARG A 98 -25.79 7.65 2.64
CA ARG A 98 -25.24 8.56 3.64
C ARG A 98 -23.75 8.82 3.33
N ASP A 99 -23.35 10.10 3.32
CA ASP A 99 -22.01 10.54 3.02
C ASP A 99 -21.22 10.73 4.34
N SER A 100 -20.06 10.06 4.44
CA SER A 100 -19.10 10.20 5.56
C SER A 100 -18.45 11.58 5.56
N ASP A 101 -17.84 11.96 6.68
CA ASP A 101 -16.93 13.09 6.70
C ASP A 101 -15.78 12.70 5.79
N PRO A 102 -15.32 13.63 4.95
CA PRO A 102 -14.28 13.33 3.97
C PRO A 102 -12.85 13.34 4.55
N ALA A 103 -11.99 12.57 3.89
CA ALA A 103 -10.67 12.39 4.26
C ALA A 103 -9.81 12.87 3.09
N GLU A 104 -8.82 13.70 3.42
CA GLU A 104 -7.91 14.23 2.47
C GLU A 104 -6.73 13.27 2.34
N LEU A 105 -6.43 12.90 1.09
CA LEU A 105 -5.22 12.22 0.76
C LEU A 105 -4.21 13.25 0.26
N THR A 106 -3.06 13.35 0.95
CA THR A 106 -2.01 14.19 0.48
C THR A 106 -0.88 13.31 -0.09
N VAL A 107 -0.44 13.64 -1.30
CA VAL A 107 0.72 12.97 -1.91
C VAL A 107 1.85 13.97 -2.08
N PHE A 108 2.91 13.77 -1.30
CA PHE A 108 4.09 14.55 -1.32
C PHE A 108 5.16 13.81 -2.14
N GLU A 109 6.29 14.49 -2.35
CA GLU A 109 7.37 13.98 -3.17
C GLU A 109 8.67 14.03 -2.34
N ARG A 110 9.24 12.85 -2.09
CA ARG A 110 10.52 12.73 -1.42
C ARG A 110 11.60 13.49 -2.19
N PRO A 111 12.55 14.12 -1.48
CA PRO A 111 13.53 14.98 -2.11
C PRO A 111 14.44 14.19 -3.04
N THR A 112 14.78 14.81 -4.17
CA THR A 112 15.73 14.30 -5.14
C THR A 112 16.75 15.40 -5.45
N PHE A 113 17.84 15.04 -6.16
CA PHE A 113 18.88 15.99 -6.54
C PHE A 113 18.76 16.38 -8.02
N LEU A 114 18.45 17.65 -8.31
CA LEU A 114 18.60 18.18 -9.68
C LEU A 114 20.09 18.25 -10.02
N ARG A 115 20.93 18.65 -9.06
CA ARG A 115 22.38 18.81 -9.24
C ARG A 115 23.10 18.29 -8.00
N ARG A 116 23.79 17.14 -8.15
CA ARG A 116 24.63 16.58 -7.13
C ARG A 116 25.98 17.30 -7.11
N PRO A 117 26.57 17.51 -5.91
CA PRO A 117 27.91 18.09 -5.81
C PRO A 117 28.93 17.13 -6.41
N ILE A 118 30.00 17.67 -7.01
CA ILE A 118 31.01 16.86 -7.77
C ILE A 118 32.38 17.04 -7.11
N ASN A 119 33.12 15.94 -6.99
CA ASN A 119 34.49 15.96 -6.46
C ASN A 119 35.24 17.16 -7.03
N GLN A 120 35.97 17.90 -6.18
CA GLN A 120 36.92 18.92 -6.66
C GLN A 120 38.33 18.55 -6.25
N VAL A 121 39.26 19.05 -7.05
CA VAL A 121 40.68 18.96 -6.81
C VAL A 121 41.25 20.34 -7.11
N VAL A 122 41.97 20.89 -6.12
CA VAL A 122 42.35 22.30 -6.05
C VAL A 122 43.73 22.45 -5.39
N LEU A 123 44.48 23.48 -5.80
CA LEU A 123 45.80 23.75 -5.24
C LEU A 123 45.68 24.82 -4.16
N GLU A 124 46.45 24.63 -3.08
CA GLU A 124 46.38 25.47 -1.88
C GLU A 124 46.28 26.94 -2.27
N GLU A 125 45.43 27.68 -1.54
CA GLU A 125 45.29 29.13 -1.63
C GLU A 125 44.75 29.52 -3.01
N GLU A 126 43.42 29.47 -3.14
CA GLU A 126 42.70 29.56 -4.40
C GLU A 126 41.24 29.11 -4.15
N ALA A 127 40.31 29.65 -4.96
CA ALA A 127 38.84 29.47 -4.80
C ALA A 127 38.40 28.02 -5.06
N VAL A 128 37.27 27.64 -4.45
CA VAL A 128 36.55 26.42 -4.78
C VAL A 128 35.09 26.55 -4.32
N GLU A 129 34.19 25.93 -5.08
CA GLU A 129 32.77 25.97 -4.85
C GLU A 129 32.19 24.56 -5.05
N PHE A 130 31.17 24.22 -4.24
CA PHE A 130 30.39 23.00 -4.37
C PHE A 130 28.91 23.36 -4.52
N ARG A 131 28.22 22.64 -5.39
CA ARG A 131 26.87 22.94 -5.81
C ARG A 131 25.93 21.80 -5.34
N CYS A 132 24.72 22.20 -4.96
CA CYS A 132 23.64 21.31 -4.56
C CYS A 132 22.28 21.95 -4.84
N GLN A 133 21.55 21.35 -5.80
CA GLN A 133 20.22 21.76 -6.18
C GLN A 133 19.29 20.56 -6.06
N VAL A 134 18.20 20.77 -5.33
CA VAL A 134 17.36 19.69 -4.88
C VAL A 134 15.93 19.92 -5.39
N GLN A 135 15.12 18.85 -5.45
CA GLN A 135 13.69 19.02 -5.65
C GLN A 135 12.88 18.09 -4.74
N GLY A 136 11.66 18.55 -4.44
CA GLY A 136 10.66 17.78 -3.72
C GLY A 136 9.49 18.63 -3.30
N ASP A 137 8.49 17.98 -2.70
CA ASP A 137 7.29 18.59 -2.22
C ASP A 137 6.97 18.04 -0.84
N PRO A 138 6.92 18.87 0.22
CA PRO A 138 7.33 20.26 0.17
C PRO A 138 8.79 20.41 -0.25
N GLN A 139 9.15 21.64 -0.61
CA GLN A 139 10.50 22.04 -0.97
C GLN A 139 11.44 21.63 0.17
N PRO A 140 12.45 20.79 -0.13
CA PRO A 140 13.38 20.29 0.86
C PRO A 140 14.36 21.33 1.39
N THR A 141 14.59 21.23 2.69
CA THR A 141 15.60 21.89 3.42
C THR A 141 16.95 21.28 3.05
N VAL A 142 17.92 22.15 2.71
CA VAL A 142 19.28 21.73 2.40
C VAL A 142 20.23 22.04 3.56
N ARG A 143 21.08 21.06 3.85
CA ARG A 143 22.05 21.05 4.89
C ARG A 143 23.38 20.66 4.22
N TRP A 144 24.49 21.06 4.82
CA TRP A 144 25.86 20.75 4.38
C TRP A 144 26.59 20.16 5.58
N LYS A 145 27.48 19.20 5.33
CA LYS A 145 28.32 18.59 6.38
C LYS A 145 29.76 18.42 5.86
N LYS A 146 30.65 18.01 6.77
CA LYS A 146 32.03 17.66 6.42
C LYS A 146 32.50 16.53 7.33
N ASP A 147 32.84 15.40 6.73
CA ASP A 147 33.29 14.24 7.48
C ASP A 147 32.26 13.95 8.57
N ASP A 148 30.98 13.99 8.20
CA ASP A 148 29.82 13.68 9.06
C ASP A 148 29.70 14.65 10.26
N ALA A 149 30.31 15.84 10.19
CA ALA A 149 30.26 16.83 11.25
C ALA A 149 30.02 18.23 10.65
N ASP A 150 29.83 19.22 11.53
CA ASP A 150 29.45 20.54 11.11
C ASP A 150 30.62 21.24 10.42
N LEU A 151 30.28 22.04 9.41
CA LEU A 151 31.18 22.91 8.71
C LEU A 151 31.98 23.77 9.70
N PRO A 152 33.34 23.74 9.65
CA PRO A 152 34.15 24.67 10.40
C PRO A 152 33.79 26.15 10.15
N ARG A 153 34.16 26.98 11.11
CA ARG A 153 33.80 28.40 11.18
C ARG A 153 34.88 29.22 10.44
N GLY A 154 34.49 30.41 9.97
CA GLY A 154 35.38 31.34 9.28
C GLY A 154 35.40 31.12 7.77
N ARG A 155 35.54 29.86 7.35
CA ARG A 155 35.92 29.47 5.97
C ARG A 155 34.82 29.78 4.94
N TYR A 156 33.59 29.32 5.16
CA TYR A 156 32.65 29.03 4.05
C TYR A 156 31.71 30.21 3.75
N ASP A 157 31.63 30.54 2.47
CA ASP A 157 30.80 31.62 1.98
C ASP A 157 29.58 30.92 1.39
N ILE A 158 28.41 31.55 1.48
CA ILE A 158 27.15 30.90 1.17
C ILE A 158 26.33 31.79 0.24
N LYS A 159 26.18 31.34 -1.01
CA LYS A 159 25.26 31.97 -1.93
C LYS A 159 23.81 31.63 -1.51
N ASP A 160 22.87 32.23 -2.22
CA ASP A 160 21.43 32.03 -2.01
C ASP A 160 21.10 30.57 -2.31
N ASP A 161 21.27 30.14 -3.57
CA ASP A 161 21.33 28.71 -3.92
C ASP A 161 22.40 28.10 -3.02
N TYR A 162 22.28 26.80 -2.78
CA TYR A 162 22.96 26.22 -1.66
C TYR A 162 24.42 25.95 -2.05
N THR A 163 25.03 26.92 -2.73
CA THR A 163 26.41 26.82 -3.15
C THR A 163 27.33 27.12 -1.96
N LEU A 164 28.27 26.19 -1.74
CA LEU A 164 29.31 26.27 -0.73
C LEU A 164 30.64 26.75 -1.34
N ARG A 165 31.13 27.92 -0.92
CA ARG A 165 32.27 28.64 -1.56
C ARG A 165 33.43 28.84 -0.57
N ILE A 166 34.65 28.85 -1.11
CA ILE A 166 35.87 29.18 -0.37
C ILE A 166 36.74 30.06 -1.28
N LYS A 167 37.38 31.08 -0.69
CA LYS A 167 38.22 32.06 -1.41
C LYS A 167 39.69 31.61 -1.39
N LYS A 168 40.16 31.12 -0.24
CA LYS A 168 41.56 30.79 -0.01
C LYS A 168 41.65 29.47 0.76
N THR A 169 41.50 28.39 0.00
CA THR A 169 41.52 27.02 0.47
C THR A 169 42.85 26.72 1.18
N MET A 170 42.83 25.77 2.12
CA MET A 170 44.04 25.27 2.79
C MET A 170 43.85 23.80 3.17
N SER A 171 44.93 23.16 3.61
CA SER A 171 45.06 21.70 3.55
C SER A 171 44.14 21.00 4.54
N THR A 172 43.82 21.66 5.66
CA THR A 172 42.94 21.14 6.70
C THR A 172 41.49 20.98 6.19
N ASP A 173 41.13 21.77 5.16
CA ASP A 173 39.82 21.72 4.45
C ASP A 173 39.57 20.33 3.82
N GLU A 174 40.59 19.47 3.74
CA GLU A 174 40.45 18.18 3.09
C GLU A 174 39.36 17.36 3.77
N GLY A 175 38.52 16.71 2.95
CA GLY A 175 37.62 15.67 3.42
C GLY A 175 36.35 15.60 2.60
N THR A 176 35.47 14.67 3.00
CA THR A 176 34.17 14.38 2.39
C THR A 176 33.14 15.45 2.80
N TYR A 177 32.60 16.15 1.79
CA TYR A 177 31.56 17.18 1.92
C TYR A 177 30.20 16.67 1.39
N MET A 178 29.22 16.53 2.31
CA MET A 178 27.92 15.90 2.09
C MET A 178 26.84 16.98 2.03
N CYS A 179 25.99 16.90 1.00
CA CYS A 179 24.79 17.70 0.91
C CYS A 179 23.58 16.84 1.34
N ILE A 180 22.75 17.38 2.23
CA ILE A 180 21.58 16.67 2.72
C ILE A 180 20.30 17.44 2.37
N ALA A 181 19.38 16.76 1.70
CA ALA A 181 18.10 17.31 1.30
C ALA A 181 16.99 16.63 2.11
N GLU A 182 16.13 17.41 2.76
CA GLU A 182 15.19 16.83 3.70
C GLU A 182 13.86 17.59 3.69
N ASN A 183 12.76 16.85 3.50
CA ASN A 183 11.43 17.30 3.76
C ASN A 183 10.74 16.29 4.70
N ARG A 184 9.45 16.55 4.95
CA ARG A 184 8.70 15.76 5.95
C ARG A 184 8.48 14.32 5.48
N VAL A 185 8.82 13.98 4.22
CA VAL A 185 8.55 12.65 3.63
C VAL A 185 9.81 11.92 3.14
N GLY A 186 10.99 12.45 3.41
CA GLY A 186 12.20 11.73 3.20
C GLY A 186 13.42 12.64 3.27
N LYS A 187 14.59 11.98 3.27
CA LYS A 187 15.91 12.55 3.36
C LYS A 187 16.78 11.92 2.26
N MET A 188 17.74 12.67 1.71
CA MET A 188 18.67 12.11 0.70
C MET A 188 20.05 12.79 0.80
N GLU A 189 21.11 11.99 0.77
CA GLU A 189 22.49 12.42 0.96
C GLU A 189 23.27 12.29 -0.37
N ALA A 190 24.14 13.26 -0.66
CA ALA A 190 25.10 13.16 -1.72
C ALA A 190 26.42 13.84 -1.31
N SER A 191 27.50 13.07 -1.22
CA SER A 191 28.79 13.64 -0.84
C SER A 191 29.79 13.62 -2.01
N ALA A 192 30.88 14.38 -1.81
CA ALA A 192 31.86 14.70 -2.81
C ALA A 192 33.16 15.13 -2.11
N THR A 193 34.30 14.62 -2.60
CA THR A 193 35.64 14.83 -2.00
C THR A 193 36.19 16.20 -2.40
N LEU A 194 36.88 16.86 -1.45
CA LEU A 194 37.74 18.03 -1.76
C LEU A 194 39.20 17.63 -1.53
N THR A 195 39.99 17.70 -2.60
CA THR A 195 41.40 17.32 -2.52
C THR A 195 42.24 18.57 -2.70
N VAL A 196 43.22 18.73 -1.79
CA VAL A 196 44.11 19.90 -1.74
C VAL A 196 45.55 19.42 -2.03
N ARG A 197 46.36 20.28 -2.65
CA ARG A 197 47.72 19.89 -3.07
C ARG A 197 48.69 21.07 -2.92
N ALA A 198 49.78 20.82 -2.17
CA ALA A 198 50.85 21.79 -1.93
C ALA A 198 51.59 22.10 -3.24
N GLU B 13 19.63 15.07 31.16
CA GLU B 13 18.36 14.38 30.81
C GLU B 13 18.57 12.85 30.82
N VAL B 14 17.72 12.18 31.58
CA VAL B 14 17.83 10.76 31.97
C VAL B 14 18.12 9.88 30.73
N ALA B 15 19.20 9.11 30.80
CA ALA B 15 19.45 8.06 29.84
C ALA B 15 18.40 6.98 30.08
N LEU B 16 17.56 6.70 29.07
CA LEU B 16 16.36 5.94 29.35
C LEU B 16 15.85 5.19 28.12
N LEU B 17 15.37 3.96 28.40
CA LEU B 17 14.50 3.19 27.50
C LEU B 17 13.42 2.42 28.28
N ARG B 18 12.15 2.79 28.09
CA ARG B 18 11.02 2.13 28.72
C ARG B 18 10.73 0.82 27.99
N ASP B 19 9.80 0.01 28.52
CA ASP B 19 9.49 -1.36 27.99
C ASP B 19 8.12 -1.41 27.28
N ASP B 20 7.34 -0.33 27.35
CA ASP B 20 5.94 -0.28 26.91
C ASP B 20 5.85 0.56 25.62
N PHE B 21 5.50 -0.08 24.51
CA PHE B 21 5.43 0.62 23.25
C PHE B 21 4.25 1.60 23.23
N ARG B 22 4.48 2.82 22.75
CA ARG B 22 3.44 3.79 22.60
C ARG B 22 2.37 3.21 21.67
N GLN B 23 2.78 2.46 20.64
CA GLN B 23 1.89 1.75 19.70
C GLN B 23 2.55 0.47 19.15
N ASN B 24 1.93 -0.67 19.45
CA ASN B 24 2.30 -1.97 18.93
C ASN B 24 1.66 -2.16 17.55
N PRO B 25 2.27 -2.96 16.64
CA PRO B 25 1.65 -3.24 15.36
C PRO B 25 0.50 -4.20 15.63
N THR B 26 -0.48 -4.23 14.72
CA THR B 26 -1.65 -5.09 14.90
C THR B 26 -1.76 -6.02 13.69
N ASP B 27 -2.34 -7.20 13.91
CA ASP B 27 -2.51 -8.19 12.89
C ASP B 27 -3.23 -7.57 11.68
N VAL B 28 -2.81 -8.01 10.50
CA VAL B 28 -3.31 -7.56 9.23
C VAL B 28 -3.67 -8.78 8.40
N VAL B 29 -4.84 -8.72 7.75
CA VAL B 29 -5.28 -9.75 6.85
C VAL B 29 -5.47 -9.13 5.46
N VAL B 30 -4.93 -9.77 4.43
CA VAL B 30 -4.93 -9.15 3.17
C VAL B 30 -5.09 -10.22 2.09
N ALA B 31 -5.45 -9.79 0.87
CA ALA B 31 -5.45 -10.64 -0.30
C ALA B 31 -4.25 -10.31 -1.17
N ALA B 32 -3.53 -11.33 -1.63
CA ALA B 32 -2.38 -11.19 -2.52
C ALA B 32 -2.63 -10.07 -3.53
N GLY B 33 -1.72 -9.09 -3.61
CA GLY B 33 -1.80 -8.00 -4.59
C GLY B 33 -2.16 -6.69 -3.92
N GLU B 34 -2.96 -6.80 -2.86
CA GLU B 34 -3.30 -5.72 -1.96
C GLU B 34 -2.08 -5.32 -1.15
N PRO B 35 -1.96 -4.04 -0.73
CA PRO B 35 -0.87 -3.60 0.14
C PRO B 35 -1.19 -3.81 1.61
N ALA B 36 -0.13 -3.93 2.42
CA ALA B 36 -0.25 -4.08 3.85
C ALA B 36 0.57 -3.00 4.55
N ILE B 37 0.07 -2.51 5.67
CA ILE B 37 0.72 -1.46 6.37
C ILE B 37 0.68 -1.83 7.84
N LEU B 38 1.86 -1.85 8.48
CA LEU B 38 2.00 -2.07 9.88
C LEU B 38 2.56 -0.79 10.45
N GLU B 39 2.16 -0.47 11.69
CA GLU B 39 2.45 0.80 12.33
C GLU B 39 3.06 0.50 13.70
N CYS B 40 4.02 1.34 14.08
CA CYS B 40 4.71 1.20 15.33
C CYS B 40 5.10 2.59 15.84
N GLN B 41 4.94 2.76 17.16
CA GLN B 41 5.59 3.80 17.88
C GLN B 41 6.32 3.13 19.03
N PRO B 42 7.64 3.34 19.19
CA PRO B 42 8.44 2.67 20.21
C PRO B 42 8.12 3.15 21.62
N PRO B 43 8.68 2.53 22.68
CA PRO B 43 8.58 3.08 24.03
C PRO B 43 9.21 4.49 24.08
N ARG B 44 8.97 5.21 25.16
CA ARG B 44 9.61 6.50 25.37
C ARG B 44 11.06 6.18 25.73
N GLY B 45 11.95 7.11 25.37
CA GLY B 45 13.32 6.99 25.78
C GLY B 45 14.10 8.28 25.57
N HIS B 46 15.28 8.34 26.17
CA HIS B 46 16.24 9.36 25.83
C HIS B 46 17.60 8.69 25.61
N PRO B 47 18.21 8.92 24.43
CA PRO B 47 17.68 9.74 23.35
C PRO B 47 16.49 9.07 22.65
N GLU B 48 15.72 9.85 21.90
CA GLU B 48 14.49 9.36 21.27
C GLU B 48 14.83 8.14 20.42
N PRO B 49 14.20 6.98 20.74
CA PRO B 49 14.51 5.73 20.06
C PRO B 49 14.14 5.78 18.58
N THR B 50 14.86 5.03 17.75
CA THR B 50 14.48 4.80 16.37
C THR B 50 13.77 3.46 16.32
N ILE B 51 13.31 3.07 15.13
CA ILE B 51 12.71 1.74 14.94
C ILE B 51 13.25 1.04 13.67
N TYR B 52 13.21 -0.29 13.72
CA TYR B 52 13.37 -1.09 12.51
C TYR B 52 12.47 -2.31 12.68
N TRP B 53 12.36 -3.11 11.63
CA TRP B 53 11.43 -4.21 11.61
C TRP B 53 12.16 -5.54 11.35
N LYS B 54 11.59 -6.59 11.94
CA LYS B 54 11.96 -7.96 11.82
C LYS B 54 10.74 -8.74 11.30
N LYS B 55 10.95 -9.62 10.33
CA LYS B 55 9.99 -10.64 9.97
C LYS B 55 10.50 -11.99 10.51
N ASP B 56 9.71 -12.60 11.41
CA ASP B 56 10.05 -13.88 12.05
C ASP B 56 11.50 -13.78 12.54
N LYS B 57 11.73 -12.81 13.43
CA LYS B 57 13.00 -12.56 14.17
C LYS B 57 14.21 -12.21 13.28
N VAL B 58 14.05 -12.10 11.96
CA VAL B 58 15.10 -11.66 11.02
C VAL B 58 14.83 -10.22 10.57
N ARG B 59 15.83 -9.34 10.69
CA ARG B 59 15.73 -7.94 10.32
C ARG B 59 15.53 -7.81 8.81
N ILE B 60 14.73 -6.83 8.35
CA ILE B 60 14.47 -6.60 6.91
C ILE B 60 14.72 -5.13 6.53
N ASP B 61 14.67 -4.83 5.23
CA ASP B 61 15.00 -3.48 4.75
C ASP B 61 14.12 -3.12 3.55
N ASP B 62 14.26 -1.86 3.09
CA ASP B 62 13.37 -1.28 2.10
C ASP B 62 14.02 -1.31 0.73
N LYS B 63 14.98 -2.23 0.57
CA LYS B 63 15.70 -2.51 -0.68
C LYS B 63 14.72 -2.64 -1.85
N GLU B 64 13.84 -3.63 -1.76
CA GLU B 64 12.82 -3.87 -2.75
C GLU B 64 11.99 -2.59 -2.91
N GLU B 65 11.65 -2.28 -4.17
CA GLU B 65 10.78 -1.17 -4.60
C GLU B 65 9.42 -1.22 -3.88
N ARG B 66 8.87 -2.42 -3.73
CA ARG B 66 7.58 -2.60 -3.16
C ARG B 66 7.62 -2.58 -1.62
N ILE B 67 8.80 -2.35 -1.03
CA ILE B 67 8.86 -2.23 0.42
C ILE B 67 9.40 -0.86 0.79
N SER B 68 8.67 -0.18 1.69
CA SER B 68 9.01 1.13 2.21
C SER B 68 8.85 1.14 3.73
N ILE B 69 9.92 1.59 4.40
CA ILE B 69 10.01 1.82 5.81
C ILE B 69 10.25 3.32 6.01
N ARG B 70 9.32 4.00 6.66
CA ARG B 70 9.38 5.45 6.84
C ARG B 70 8.45 5.83 8.00
N GLY B 71 8.98 6.63 8.95
CA GLY B 71 8.29 6.95 10.16
C GLY B 71 8.06 5.70 10.98
N GLY B 72 6.81 5.49 11.34
CA GLY B 72 6.43 4.33 12.11
C GLY B 72 5.68 3.31 11.27
N LYS B 73 5.85 3.37 9.95
CA LYS B 73 5.12 2.54 9.05
C LYS B 73 6.07 1.61 8.27
N LEU B 74 5.67 0.35 8.18
CA LEU B 74 6.18 -0.64 7.28
C LEU B 74 5.08 -0.90 6.25
N MET B 75 5.41 -0.61 4.99
CA MET B 75 4.51 -0.61 3.90
C MET B 75 4.94 -1.69 2.91
N ILE B 76 4.09 -2.70 2.74
CA ILE B 76 4.33 -3.82 1.84
C ILE B 76 3.30 -3.81 0.70
N SER B 77 3.72 -3.33 -0.48
CA SER B 77 2.90 -3.32 -1.68
C SER B 77 2.99 -4.69 -2.40
N ASN B 78 1.94 -5.03 -3.18
CA ASN B 78 1.84 -6.30 -3.92
C ASN B 78 2.17 -7.50 -3.04
N THR B 79 1.47 -7.64 -1.94
CA THR B 79 1.68 -8.74 -1.06
C THR B 79 1.68 -10.08 -1.84
N ARG B 80 2.56 -10.98 -1.42
CA ARG B 80 2.64 -12.32 -1.90
C ARG B 80 2.61 -13.20 -0.66
N LYS B 81 2.26 -14.47 -0.85
CA LYS B 81 2.09 -15.41 0.25
C LYS B 81 3.39 -15.52 1.04
N SER B 82 4.55 -15.30 0.38
CA SER B 82 5.87 -15.26 1.05
C SER B 82 5.81 -14.30 2.24
N ASP B 83 5.20 -13.13 2.02
CA ASP B 83 5.24 -12.02 2.97
C ASP B 83 4.61 -12.41 4.32
N ALA B 84 3.77 -13.44 4.36
CA ALA B 84 3.13 -13.80 5.60
C ALA B 84 4.19 -14.18 6.63
N GLY B 85 3.89 -13.87 7.89
CA GLY B 85 4.81 -14.08 8.99
C GLY B 85 4.41 -13.29 10.22
N MET B 86 5.20 -13.46 11.29
CA MET B 86 5.11 -12.59 12.48
C MET B 86 6.09 -11.42 12.34
N TYR B 87 5.56 -10.20 12.31
CA TYR B 87 6.36 -9.02 12.16
C TYR B 87 6.53 -8.34 13.52
N THR B 88 7.78 -7.98 13.84
CA THR B 88 8.11 -7.31 15.07
C THR B 88 8.75 -5.96 14.75
N CYS B 89 8.39 -4.97 15.54
CA CYS B 89 8.97 -3.68 15.51
C CYS B 89 9.93 -3.59 16.69
N VAL B 90 11.17 -3.17 16.40
CA VAL B 90 12.16 -2.99 17.43
C VAL B 90 12.41 -1.49 17.60
N GLY B 91 12.40 -1.08 18.88
CA GLY B 91 12.82 0.22 19.30
C GLY B 91 14.24 0.19 19.83
N THR B 92 15.07 1.11 19.35
CA THR B 92 16.51 1.15 19.60
C THR B 92 16.93 2.56 20.02
N ASN B 93 17.86 2.61 20.99
CA ASN B 93 18.63 3.77 21.32
C ASN B 93 19.89 3.27 22.01
N MET B 94 20.68 4.21 22.53
CA MET B 94 21.98 3.86 23.05
C MET B 94 21.87 3.02 24.33
N VAL B 95 20.65 2.84 24.89
CA VAL B 95 20.45 2.03 26.09
C VAL B 95 20.25 0.58 25.71
N GLY B 96 19.50 0.35 24.64
CA GLY B 96 19.16 -1.00 24.25
C GLY B 96 18.13 -1.05 23.15
N GLU B 97 17.66 -2.28 22.93
CA GLU B 97 16.60 -2.60 22.04
C GLU B 97 15.42 -3.12 22.85
N ARG B 98 14.20 -2.87 22.34
CA ARG B 98 12.97 -3.38 22.88
C ARG B 98 12.16 -3.96 21.73
N ASP B 99 11.69 -5.21 21.89
CA ASP B 99 10.82 -5.89 20.92
C ASP B 99 9.34 -5.63 21.23
N SER B 100 8.59 -5.23 20.19
CA SER B 100 7.11 -5.06 20.27
C SER B 100 6.43 -6.43 20.29
N ASP B 101 5.20 -6.47 20.78
CA ASP B 101 4.33 -7.60 20.58
C ASP B 101 4.26 -7.81 19.08
N PRO B 102 4.39 -9.04 18.57
CA PRO B 102 4.40 -9.27 17.13
C PRO B 102 2.99 -9.22 16.53
N ALA B 103 2.95 -9.11 15.19
CA ALA B 103 1.78 -8.89 14.43
C ALA B 103 1.83 -9.83 13.23
N GLU B 104 0.76 -10.62 13.08
CA GLU B 104 0.67 -11.61 12.07
C GLU B 104 0.14 -10.96 10.79
N LEU B 105 0.93 -11.04 9.73
CA LEU B 105 0.46 -10.75 8.43
C LEU B 105 -0.08 -12.03 7.79
N THR B 106 -1.34 -12.00 7.37
CA THR B 106 -1.98 -13.10 6.69
C THR B 106 -2.26 -12.66 5.25
N VAL B 107 -1.81 -13.47 4.28
CA VAL B 107 -2.04 -13.26 2.87
C VAL B 107 -2.82 -14.46 2.30
N PHE B 108 -4.07 -14.19 1.92
CA PHE B 108 -4.93 -15.14 1.29
C PHE B 108 -4.92 -14.87 -0.21
N GLU B 109 -5.60 -15.72 -1.00
CA GLU B 109 -5.66 -15.47 -2.46
C GLU B 109 -7.11 -15.41 -2.97
N ARG B 110 -7.37 -14.34 -3.72
CA ARG B 110 -8.57 -14.17 -4.53
C ARG B 110 -8.77 -15.45 -5.34
N PRO B 111 -10.03 -15.89 -5.51
CA PRO B 111 -10.32 -16.98 -6.42
C PRO B 111 -10.03 -16.56 -7.87
N THR B 112 -9.41 -17.48 -8.63
CA THR B 112 -9.26 -17.35 -10.08
C THR B 112 -9.77 -18.63 -10.77
N PHE B 113 -10.37 -18.43 -11.94
CA PHE B 113 -10.77 -19.49 -12.85
C PHE B 113 -9.57 -19.95 -13.68
N LEU B 114 -9.39 -21.27 -13.77
CA LEU B 114 -8.41 -21.87 -14.65
C LEU B 114 -9.03 -22.07 -16.04
N ARG B 115 -10.20 -22.76 -16.09
CA ARG B 115 -10.96 -23.00 -17.34
C ARG B 115 -12.37 -22.41 -17.18
N ARG B 116 -12.76 -21.55 -18.12
CA ARG B 116 -14.05 -20.87 -18.11
C ARG B 116 -15.07 -21.66 -18.93
N PRO B 117 -16.38 -21.34 -18.81
CA PRO B 117 -17.40 -21.90 -19.71
C PRO B 117 -17.34 -21.27 -21.10
N ILE B 118 -17.90 -21.98 -22.10
CA ILE B 118 -17.76 -21.68 -23.53
C ILE B 118 -19.15 -21.54 -24.16
N ASN B 119 -19.27 -20.69 -25.18
CA ASN B 119 -20.48 -20.68 -26.01
C ASN B 119 -20.57 -22.06 -26.66
N GLN B 120 -21.51 -22.88 -26.18
CA GLN B 120 -21.61 -24.30 -26.57
C GLN B 120 -22.98 -24.56 -27.22
N VAL B 121 -23.29 -23.78 -28.26
CA VAL B 121 -24.44 -23.95 -29.17
C VAL B 121 -24.53 -25.43 -29.59
N VAL B 122 -25.71 -26.05 -29.41
CA VAL B 122 -25.88 -27.52 -29.62
C VAL B 122 -27.35 -27.87 -29.90
N LEU B 123 -27.57 -28.66 -30.96
CA LEU B 123 -28.88 -29.25 -31.28
C LEU B 123 -29.06 -30.55 -30.47
N GLU B 124 -30.31 -30.99 -30.37
CA GLU B 124 -30.79 -31.84 -29.26
C GLU B 124 -29.99 -33.16 -29.17
N GLU B 125 -30.10 -33.81 -28.01
CA GLU B 125 -29.71 -35.20 -27.76
C GLU B 125 -28.19 -35.39 -27.61
N GLU B 126 -27.36 -34.53 -28.20
CA GLU B 126 -25.90 -34.68 -28.02
C GLU B 126 -25.48 -33.93 -26.74
N ALA B 127 -25.24 -34.71 -25.67
CA ALA B 127 -24.90 -34.24 -24.31
C ALA B 127 -24.01 -32.98 -24.37
N VAL B 128 -24.46 -31.89 -23.71
CA VAL B 128 -23.74 -30.59 -23.64
C VAL B 128 -23.05 -30.45 -22.27
N GLU B 129 -21.88 -29.79 -22.25
CA GLU B 129 -21.05 -29.64 -21.04
C GLU B 129 -20.49 -28.20 -20.94
N PHE B 130 -20.76 -27.60 -19.78
CA PHE B 130 -20.11 -26.40 -19.36
C PHE B 130 -19.09 -26.78 -18.27
N ARG B 131 -17.88 -26.21 -18.35
CA ARG B 131 -16.74 -26.59 -17.50
C ARG B 131 -16.25 -25.37 -16.71
N CYS B 132 -15.68 -25.64 -15.51
CA CYS B 132 -15.31 -24.60 -14.50
C CYS B 132 -14.38 -25.14 -13.40
N GLN B 133 -13.08 -24.80 -13.52
CA GLN B 133 -12.04 -25.12 -12.51
C GLN B 133 -11.47 -23.82 -11.92
N VAL B 134 -11.15 -23.90 -10.61
CA VAL B 134 -10.86 -22.72 -9.78
C VAL B 134 -9.75 -22.99 -8.74
N GLN B 135 -9.04 -21.90 -8.38
CA GLN B 135 -8.06 -21.89 -7.29
C GLN B 135 -8.30 -20.65 -6.42
N GLY B 136 -7.95 -20.78 -5.14
CA GLY B 136 -7.88 -19.68 -4.18
C GLY B 136 -7.47 -20.16 -2.79
N ASP B 137 -7.31 -19.23 -1.83
CA ASP B 137 -7.04 -19.57 -0.43
C ASP B 137 -7.83 -18.64 0.49
N PRO B 138 -8.69 -19.14 1.41
CA PRO B 138 -9.13 -20.55 1.42
C PRO B 138 -9.67 -21.07 0.09
N GLN B 139 -9.86 -22.39 0.02
CA GLN B 139 -10.41 -23.03 -1.15
C GLN B 139 -11.78 -22.42 -1.44
N PRO B 140 -12.01 -21.83 -2.62
CA PRO B 140 -13.33 -21.30 -2.95
C PRO B 140 -14.43 -22.34 -3.13
N THR B 141 -15.54 -22.11 -2.41
CA THR B 141 -16.87 -22.55 -2.71
C THR B 141 -17.30 -22.18 -4.13
N VAL B 142 -17.73 -23.19 -4.90
CA VAL B 142 -18.18 -23.02 -6.31
C VAL B 142 -19.70 -23.21 -6.39
N ARG B 143 -20.29 -22.54 -7.37
CA ARG B 143 -21.69 -22.34 -7.51
C ARG B 143 -21.99 -22.20 -8.99
N TRP B 144 -23.07 -22.84 -9.45
CA TRP B 144 -23.55 -22.73 -10.82
C TRP B 144 -24.89 -22.00 -10.84
N LYS B 145 -25.08 -21.15 -11.86
CA LYS B 145 -26.33 -20.40 -12.05
C LYS B 145 -26.80 -20.55 -13.51
N LYS B 146 -27.97 -19.97 -13.82
CA LYS B 146 -28.47 -19.88 -15.19
C LYS B 146 -29.53 -18.77 -15.25
N ASP B 147 -29.26 -17.75 -16.08
CA ASP B 147 -30.07 -16.52 -16.21
C ASP B 147 -30.17 -15.80 -14.86
N ASP B 148 -29.08 -15.88 -14.08
CA ASP B 148 -28.96 -15.30 -12.73
C ASP B 148 -30.02 -15.90 -11.80
N ALA B 149 -30.37 -17.18 -12.00
CA ALA B 149 -31.36 -17.93 -11.20
C ALA B 149 -30.89 -19.38 -11.06
N ASP B 150 -31.39 -20.08 -10.03
CA ASP B 150 -30.95 -21.45 -9.68
C ASP B 150 -31.11 -22.38 -10.90
N LEU B 151 -30.20 -23.34 -11.04
CA LEU B 151 -30.33 -24.44 -11.99
C LEU B 151 -31.70 -25.11 -11.84
N PRO B 152 -32.41 -25.45 -12.94
CA PRO B 152 -33.66 -26.19 -12.79
C PRO B 152 -33.42 -27.68 -12.44
N ARG B 153 -34.50 -28.34 -11.99
CA ARG B 153 -34.42 -29.64 -11.33
C ARG B 153 -34.47 -30.77 -12.38
N GLY B 154 -33.74 -31.85 -12.10
CA GLY B 154 -33.80 -33.12 -12.84
C GLY B 154 -32.70 -33.25 -13.87
N ARG B 155 -32.22 -32.10 -14.36
CA ARG B 155 -31.48 -31.98 -15.61
C ARG B 155 -29.97 -32.23 -15.45
N TYR B 156 -29.33 -31.88 -14.34
CA TYR B 156 -27.85 -31.84 -14.26
C TYR B 156 -27.26 -32.84 -13.27
N ASP B 157 -26.06 -33.33 -13.60
CA ASP B 157 -25.34 -34.37 -12.87
C ASP B 157 -23.87 -33.95 -12.77
N ILE B 158 -23.32 -34.03 -11.55
CA ILE B 158 -21.99 -33.50 -11.22
C ILE B 158 -21.21 -34.57 -10.46
N LYS B 159 -19.91 -34.63 -10.73
CA LYS B 159 -19.00 -35.50 -9.99
C LYS B 159 -18.31 -34.62 -8.94
N ASP B 160 -17.01 -34.85 -8.70
CA ASP B 160 -16.21 -34.01 -7.83
C ASP B 160 -15.90 -32.69 -8.54
N ASP B 161 -15.33 -32.79 -9.74
CA ASP B 161 -15.12 -31.64 -10.57
C ASP B 161 -16.48 -30.98 -10.77
N TYR B 162 -16.47 -29.64 -10.75
CA TYR B 162 -17.68 -28.84 -10.82
C TYR B 162 -18.08 -28.67 -12.29
N THR B 163 -17.88 -29.73 -13.08
CA THR B 163 -18.45 -29.81 -14.41
C THR B 163 -19.87 -30.36 -14.26
N LEU B 164 -20.73 -29.72 -15.04
CA LEU B 164 -22.13 -29.78 -15.01
C LEU B 164 -22.58 -30.61 -16.21
N ARG B 165 -22.59 -31.95 -16.02
CA ARG B 165 -22.72 -32.95 -17.11
C ARG B 165 -24.19 -33.38 -17.25
N ILE B 166 -24.83 -32.96 -18.36
CA ILE B 166 -26.14 -33.46 -18.81
C ILE B 166 -25.93 -34.82 -19.52
N LYS B 167 -26.50 -35.91 -18.97
CA LYS B 167 -26.39 -37.29 -19.53
C LYS B 167 -26.98 -37.35 -20.94
N LYS B 168 -27.99 -36.51 -21.24
CA LYS B 168 -28.58 -36.36 -22.58
C LYS B 168 -29.36 -35.03 -22.69
N THR B 169 -28.94 -34.18 -23.64
CA THR B 169 -29.47 -32.81 -23.79
C THR B 169 -30.93 -32.80 -24.24
N MET B 170 -31.45 -31.58 -24.36
CA MET B 170 -32.59 -31.25 -25.17
C MET B 170 -32.50 -29.75 -25.44
N SER B 171 -33.65 -29.07 -25.51
CA SER B 171 -33.75 -27.64 -25.24
C SER B 171 -33.70 -27.41 -23.72
N THR B 172 -32.67 -28.00 -23.06
CA THR B 172 -32.46 -27.82 -21.62
C THR B 172 -32.73 -26.36 -21.30
N ASP B 173 -32.01 -25.47 -22.01
CA ASP B 173 -32.21 -24.04 -21.94
C ASP B 173 -31.48 -23.36 -23.11
N GLU B 174 -32.09 -22.28 -23.61
CA GLU B 174 -31.51 -21.37 -24.62
C GLU B 174 -31.14 -20.05 -23.93
N GLY B 175 -30.33 -20.15 -22.87
CA GLY B 175 -29.94 -19.01 -22.04
C GLY B 175 -28.52 -19.17 -21.50
N THR B 176 -28.10 -18.21 -20.66
CA THR B 176 -26.72 -18.10 -20.21
C THR B 176 -26.51 -19.02 -19.00
N TYR B 177 -25.24 -19.40 -18.73
CA TYR B 177 -24.86 -20.36 -17.65
C TYR B 177 -23.62 -19.87 -16.87
N MET B 178 -23.82 -19.13 -15.76
CA MET B 178 -22.73 -18.52 -14.95
C MET B 178 -22.08 -19.53 -13.97
N CYS B 179 -20.75 -19.50 -13.87
CA CYS B 179 -20.01 -20.18 -12.81
C CYS B 179 -19.49 -19.13 -11.83
N ILE B 180 -19.53 -19.41 -10.52
CA ILE B 180 -19.20 -18.44 -9.46
C ILE B 180 -18.26 -19.10 -8.46
N ALA B 181 -17.07 -18.51 -8.28
CA ALA B 181 -16.09 -18.94 -7.26
C ALA B 181 -16.00 -17.86 -6.19
N GLU B 182 -16.03 -18.29 -4.93
CA GLU B 182 -16.14 -17.38 -3.84
C GLU B 182 -15.41 -17.94 -2.63
N ASN B 183 -14.48 -17.15 -2.07
CA ASN B 183 -13.92 -17.35 -0.75
C ASN B 183 -14.10 -16.05 0.05
N ARG B 184 -13.42 -15.94 1.19
CA ARG B 184 -13.71 -14.88 2.18
C ARG B 184 -13.01 -13.59 1.78
N VAL B 185 -12.32 -13.58 0.65
CA VAL B 185 -11.50 -12.47 0.28
C VAL B 185 -11.86 -12.03 -1.14
N GLY B 186 -12.89 -12.63 -1.75
CA GLY B 186 -13.26 -12.26 -3.11
C GLY B 186 -14.17 -13.26 -3.80
N LYS B 187 -14.72 -12.79 -4.92
CA LYS B 187 -15.69 -13.48 -5.71
C LYS B 187 -15.33 -13.24 -7.18
N MET B 188 -15.46 -14.27 -8.02
CA MET B 188 -15.27 -14.08 -9.46
C MET B 188 -16.23 -14.97 -10.26
N GLU B 189 -16.81 -14.38 -11.33
CA GLU B 189 -17.95 -14.92 -12.13
C GLU B 189 -17.53 -15.06 -13.60
N ALA B 190 -18.12 -16.04 -14.32
CA ALA B 190 -17.74 -16.37 -15.71
C ALA B 190 -18.85 -17.17 -16.42
N SER B 191 -19.65 -16.48 -17.25
CA SER B 191 -20.86 -17.02 -17.85
C SER B 191 -20.65 -17.41 -19.33
N ALA B 192 -21.66 -18.06 -19.92
CA ALA B 192 -21.62 -18.60 -21.28
C ALA B 192 -23.05 -18.86 -21.77
N THR B 193 -23.22 -18.91 -23.11
CA THR B 193 -24.53 -19.12 -23.80
C THR B 193 -24.64 -20.56 -24.37
N LEU B 194 -25.90 -20.98 -24.51
CA LEU B 194 -26.39 -22.25 -25.07
C LEU B 194 -27.57 -21.92 -25.99
N THR B 195 -27.53 -22.39 -27.24
CA THR B 195 -28.58 -22.14 -28.24
C THR B 195 -29.06 -23.48 -28.81
N VAL B 196 -30.36 -23.55 -29.17
CA VAL B 196 -30.97 -24.76 -29.77
C VAL B 196 -31.82 -24.34 -30.98
#